data_4GQZ
#
_entry.id   4GQZ
#
_cell.length_a   58.456
_cell.length_b   102.160
_cell.length_c   114.238
_cell.angle_alpha   90.00
_cell.angle_beta   90.00
_cell.angle_gamma   90.00
#
_symmetry.space_group_name_H-M   'P 21 21 21'
#
loop_
_entity.id
_entity.type
_entity.pdbx_description
1 polymer 'Putative periplasmic or exported protein'
2 non-polymer 'CHLORIDE ION'
3 water water
#
_entity_poly.entity_id   1
_entity_poly.type   'polypeptide(L)'
_entity_poly.pdbx_seq_one_letter_code
;A(MSE)ASSESAFLAQHGLAGKTVEQIVDTIDQTPQSRPLPYSASITSTELKLSDGEQIYTLPLGDKFYLSFAPYEWRTH
PCFNHSLSG(CSO)QGE(MSE)PNKPFTVKVTDSKGAVIVQKE(MSE)QSYRNGFIGVWLPRN(MSE)EGTLEVSYNGKT
ASHAIATSDDSQTCLTELPLR
;
_entity_poly.pdbx_strand_id   A,B,C,D
#
# COMPACT_ATOMS: atom_id res chain seq x y z
N ALA A 3 -25.52 14.16 -29.02
CA ALA A 3 -24.99 14.66 -27.75
C ALA A 3 -26.10 15.31 -26.95
N SER A 4 -26.18 14.96 -25.67
CA SER A 4 -27.22 15.51 -24.80
C SER A 4 -26.79 16.86 -24.24
N SER A 5 -27.74 17.56 -23.62
CA SER A 5 -27.41 18.75 -22.85
C SER A 5 -26.33 18.42 -21.81
N GLU A 6 -26.49 17.27 -21.17
CA GLU A 6 -25.54 16.82 -20.13
C GLU A 6 -24.12 16.59 -20.66
N SER A 7 -24.00 15.85 -21.76
CA SER A 7 -22.66 15.49 -22.26
C SER A 7 -21.95 16.76 -22.73
N ALA A 8 -22.70 17.60 -23.42
CA ALA A 8 -22.21 18.90 -23.87
C ALA A 8 -21.75 19.78 -22.71
N PHE A 9 -22.53 19.79 -21.64
CA PHE A 9 -22.18 20.55 -20.44
C PHE A 9 -20.80 20.10 -19.92
N LEU A 10 -20.56 18.79 -19.88
CA LEU A 10 -19.30 18.27 -19.35
C LEU A 10 -18.13 18.69 -20.23
N ALA A 11 -18.29 18.48 -21.54
CA ALA A 11 -17.30 18.88 -22.52
C ALA A 11 -17.01 20.38 -22.43
N GLN A 12 -18.04 21.19 -22.55
CA GLN A 12 -17.93 22.65 -22.53
C GLN A 12 -17.12 23.18 -21.34
N HIS A 13 -17.27 22.53 -20.18
CA HIS A 13 -16.59 23.00 -18.98
C HIS A 13 -15.36 22.14 -18.67
N GLY A 14 -14.89 21.41 -19.68
CA GLY A 14 -13.67 20.63 -19.55
C GLY A 14 -13.69 19.56 -18.46
N LEU A 15 -14.80 18.84 -18.37
CA LEU A 15 -14.93 17.77 -17.39
C LEU A 15 -14.88 16.42 -18.11
N ALA A 16 -14.90 16.48 -19.43
CA ALA A 16 -14.87 15.27 -20.25
C ALA A 16 -13.62 14.44 -19.99
N GLY A 17 -13.79 13.12 -19.93
CA GLY A 17 -12.67 12.20 -19.77
C GLY A 17 -12.02 12.17 -18.40
N LYS A 18 -12.55 12.96 -17.46
CA LYS A 18 -12.12 12.90 -16.07
C LYS A 18 -12.93 11.86 -15.33
N THR A 19 -12.35 11.25 -14.29
CA THR A 19 -13.12 10.33 -13.47
C THR A 19 -14.00 11.20 -12.59
N VAL A 20 -15.03 10.60 -11.99
CA VAL A 20 -15.92 11.40 -11.13
C VAL A 20 -15.18 12.01 -9.93
N GLU A 21 -14.15 11.34 -9.42
CA GLU A 21 -13.35 11.92 -8.33
C GLU A 21 -12.56 13.15 -8.77
N GLN A 22 -11.96 13.08 -9.96
CA GLN A 22 -11.23 14.21 -10.54
C GLN A 22 -12.13 15.43 -10.78
N ILE A 23 -13.36 15.19 -11.23
CA ILE A 23 -14.34 16.27 -11.37
C ILE A 23 -14.68 16.91 -10.03
N VAL A 24 -15.01 16.09 -9.03
CA VAL A 24 -15.28 16.60 -7.69
C VAL A 24 -14.08 17.36 -7.13
N ASP A 25 -12.87 16.81 -7.27
CA ASP A 25 -11.67 17.48 -6.74
C ASP A 25 -11.46 18.82 -7.43
N THR A 26 -11.63 18.84 -8.75
CA THR A 26 -11.44 20.06 -9.54
C THR A 26 -12.37 21.16 -9.05
N ILE A 27 -13.64 20.82 -8.93
CA ILE A 27 -14.67 21.75 -8.49
C ILE A 27 -14.38 22.31 -7.10
N ASP A 28 -14.16 21.42 -6.14
CA ASP A 28 -13.99 21.83 -4.73
C ASP A 28 -12.69 22.61 -4.52
N GLN A 29 -11.67 22.30 -5.32
CA GLN A 29 -10.34 22.89 -5.08
C GLN A 29 -10.02 24.09 -5.98
N THR A 30 -11.00 24.55 -6.75
CA THR A 30 -10.79 25.69 -7.64
C THR A 30 -10.33 26.94 -6.90
N PRO A 31 -9.30 27.62 -7.43
CA PRO A 31 -8.78 28.84 -6.80
C PRO A 31 -9.59 30.07 -7.22
N PRO A 35 -14.03 31.19 -9.92
CA PRO A 35 -15.47 31.49 -10.01
C PRO A 35 -16.13 30.66 -11.08
N LEU A 36 -16.50 29.43 -10.75
CA LEU A 36 -17.07 28.50 -11.73
C LEU A 36 -18.38 29.02 -12.33
N PRO A 37 -18.53 28.93 -13.66
CA PRO A 37 -19.75 29.45 -14.27
C PRO A 37 -20.88 28.42 -14.28
N TYR A 38 -21.04 27.70 -13.16
CA TYR A 38 -22.12 26.72 -12.99
C TYR A 38 -22.29 26.42 -11.49
N SER A 39 -23.32 25.66 -11.15
CA SER A 39 -23.58 25.35 -9.75
C SER A 39 -23.33 23.87 -9.50
N ALA A 40 -22.95 23.51 -8.27
CA ALA A 40 -22.64 22.12 -7.96
C ALA A 40 -22.92 21.80 -6.51
N SER A 41 -23.49 20.62 -6.26
CA SER A 41 -23.77 20.16 -4.90
C SER A 41 -23.50 18.66 -4.84
N ILE A 42 -22.87 18.19 -3.77
CA ILE A 42 -22.55 16.77 -3.68
C ILE A 42 -23.33 16.05 -2.58
N THR A 43 -23.87 14.87 -2.90
CA THR A 43 -24.56 14.04 -1.92
C THR A 43 -23.75 12.77 -1.70
N SER A 44 -24.27 11.86 -0.88
N SER A 44 -24.27 11.87 -0.88
CA SER A 44 -23.55 10.62 -0.58
CA SER A 44 -23.56 10.63 -0.57
C SER A 44 -23.31 9.79 -1.82
C SER A 44 -23.32 9.79 -1.82
N THR A 45 -24.25 9.84 -2.75
CA THR A 45 -24.19 8.98 -3.92
C THR A 45 -24.06 9.69 -5.25
N GLU A 46 -24.18 11.01 -5.29
CA GLU A 46 -23.92 11.67 -6.58
C GLU A 46 -23.49 13.11 -6.55
N LEU A 47 -22.99 13.56 -7.70
CA LEU A 47 -22.68 14.95 -7.91
C LEU A 47 -23.79 15.56 -8.75
N LYS A 48 -24.37 16.66 -8.26
CA LYS A 48 -25.38 17.39 -9.03
C LYS A 48 -24.74 18.62 -9.65
N LEU A 49 -25.01 18.85 -10.93
CA LEU A 49 -24.46 20.00 -11.64
C LEU A 49 -25.61 20.77 -12.25
N SER A 50 -25.57 22.10 -12.19
CA SER A 50 -26.61 22.85 -12.88
C SER A 50 -26.11 24.05 -13.66
N ASP A 51 -26.73 24.29 -14.81
CA ASP A 51 -26.47 25.50 -15.59
C ASP A 51 -27.56 26.55 -15.36
N GLY A 52 -28.41 26.32 -14.37
CA GLY A 52 -29.50 27.24 -14.07
C GLY A 52 -30.82 26.90 -14.76
N GLU A 53 -30.75 26.15 -15.84
CA GLU A 53 -31.97 25.69 -16.54
C GLU A 53 -32.23 24.21 -16.27
N GLN A 54 -31.15 23.42 -16.24
CA GLN A 54 -31.28 21.98 -16.05
C GLN A 54 -30.34 21.47 -14.99
N ILE A 55 -30.66 20.30 -14.44
CA ILE A 55 -29.82 19.66 -13.42
C ILE A 55 -29.33 18.33 -13.95
N TYR A 56 -28.02 18.12 -13.87
CA TYR A 56 -27.41 16.88 -14.35
C TYR A 56 -26.93 16.14 -13.11
N THR A 57 -26.98 14.82 -13.14
CA THR A 57 -26.60 14.02 -11.99
C THR A 57 -25.55 13.00 -12.39
N LEU A 58 -24.39 13.07 -11.75
CA LEU A 58 -23.32 12.13 -12.04
C LEU A 58 -23.12 11.24 -10.80
N PRO A 59 -23.43 9.95 -10.94
CA PRO A 59 -23.23 8.98 -9.86
C PRO A 59 -21.79 8.99 -9.37
N LEU A 60 -21.64 8.98 -8.05
CA LEU A 60 -20.31 8.81 -7.47
C LEU A 60 -19.89 7.35 -7.59
N GLY A 61 -18.65 7.07 -7.19
CA GLY A 61 -18.09 5.73 -7.24
C GLY A 61 -18.14 5.07 -5.87
N ASP A 62 -17.16 4.20 -5.63
CA ASP A 62 -17.12 3.33 -4.45
C ASP A 62 -16.84 4.07 -3.17
N LYS A 63 -16.37 5.33 -3.28
CA LYS A 63 -16.01 6.08 -2.09
C LYS A 63 -16.90 7.30 -1.84
N PHE A 64 -17.19 7.50 -0.55
CA PHE A 64 -17.94 8.65 -0.05
C PHE A 64 -17.04 9.88 -0.01
N TYR A 65 -17.55 11.02 -0.46
CA TYR A 65 -16.82 12.28 -0.34
C TYR A 65 -17.36 13.09 0.81
N LEU A 66 -16.48 13.37 1.77
CA LEU A 66 -16.84 14.21 2.92
C LEU A 66 -16.03 15.47 2.83
N SER A 67 -16.68 16.62 2.86
CA SER A 67 -15.97 17.89 2.83
C SER A 67 -16.12 18.57 4.19
N PHE A 68 -15.02 19.02 4.79
CA PHE A 68 -15.09 19.59 6.14
C PHE A 68 -14.31 20.89 6.29
N ALA A 69 -14.72 21.67 7.30
CA ALA A 69 -14.20 23.01 7.51
C ALA A 69 -13.82 23.21 8.98
N PRO A 70 -12.51 23.08 9.28
CA PRO A 70 -12.06 23.38 10.64
C PRO A 70 -12.27 24.88 10.91
N TYR A 71 -12.51 25.22 12.17
CA TYR A 71 -12.64 26.64 12.52
C TYR A 71 -12.05 26.96 13.88
N GLU A 72 -11.84 28.25 14.13
CA GLU A 72 -11.37 28.73 15.43
C GLU A 72 -12.45 29.50 16.18
N TRP A 73 -12.99 30.55 15.56
CA TRP A 73 -13.93 31.46 16.25
C TRP A 73 -15.37 31.37 15.80
N ARG A 74 -15.58 31.18 14.49
CA ARG A 74 -16.90 31.29 13.90
C ARG A 74 -17.16 30.10 12.97
N THR A 75 -18.40 29.63 12.91
CA THR A 75 -18.77 28.54 12.01
C THR A 75 -20.23 28.66 11.58
N HIS A 76 -20.62 27.84 10.62
CA HIS A 76 -21.98 27.86 10.06
C HIS A 76 -22.43 26.43 9.86
N PRO A 77 -23.73 26.15 10.09
CA PRO A 77 -24.23 24.79 9.84
C PRO A 77 -24.24 24.49 8.34
N CYS A 78 -24.18 23.21 8.00
CA CYS A 78 -24.07 22.83 6.60
C CYS A 78 -24.62 21.41 6.45
N PHE A 79 -25.44 21.18 5.44
CA PHE A 79 -25.93 19.81 5.21
C PHE A 79 -25.04 19.09 4.20
N ASN A 80 -25.40 19.16 2.93
CA ASN A 80 -24.53 18.65 1.88
C ASN A 80 -23.66 19.79 1.37
N HIS A 81 -22.47 19.47 0.86
CA HIS A 81 -21.53 20.49 0.41
C HIS A 81 -21.85 21.02 -0.99
N SER A 82 -21.80 22.33 -1.18
CA SER A 82 -22.04 22.94 -2.50
C SER A 82 -21.10 24.10 -2.76
N LEU A 83 -21.10 24.63 -3.99
CA LEU A 83 -20.32 25.84 -4.30
C LEU A 83 -20.93 27.09 -3.66
N SER A 84 -22.25 27.19 -3.68
CA SER A 84 -22.94 28.31 -3.07
C SER A 84 -23.20 28.05 -1.59
N GLY A 85 -23.66 29.09 -0.90
CA GLY A 85 -23.93 29.04 0.52
C GLY A 85 -22.79 29.56 1.35
N GLN A 87 -19.40 29.66 3.19
CA GLN A 87 -18.12 29.00 2.97
C GLN A 87 -17.47 28.65 4.29
N GLY A 88 -16.22 28.19 4.24
CA GLY A 88 -15.48 27.86 5.45
C GLY A 88 -14.84 29.09 6.06
N GLU A 89 -13.84 28.89 6.91
CA GLU A 89 -13.24 30.01 7.62
C GLU A 89 -11.73 30.10 7.47
N PRO A 91 -9.00 29.35 4.90
CA PRO A 91 -8.56 29.00 3.54
C PRO A 91 -7.05 28.88 3.40
N ASN A 92 -6.62 27.94 2.56
CA ASN A 92 -5.21 27.74 2.25
C ASN A 92 -4.31 27.62 3.49
N LYS A 93 -4.67 26.72 4.40
CA LYS A 93 -3.86 26.48 5.59
C LYS A 93 -3.53 24.99 5.71
N PRO A 94 -2.41 24.67 6.41
CA PRO A 94 -2.01 23.27 6.56
C PRO A 94 -2.68 22.58 7.76
N PHE A 95 -3.24 21.39 7.54
CA PHE A 95 -3.86 20.64 8.62
C PHE A 95 -3.33 19.22 8.60
N THR A 96 -3.41 18.54 9.74
CA THR A 96 -3.15 17.11 9.76
C THR A 96 -4.46 16.43 10.07
N VAL A 97 -4.86 15.54 9.17
CA VAL A 97 -6.17 14.91 9.22
C VAL A 97 -6.06 13.43 9.50
N LYS A 98 -6.78 12.96 10.51
CA LYS A 98 -6.84 11.51 10.75
C LYS A 98 -8.26 11.00 10.79
N VAL A 99 -8.52 9.89 10.09
CA VAL A 99 -9.81 9.20 10.19
C VAL A 99 -9.60 7.78 10.71
N THR A 100 -10.27 7.45 11.81
CA THR A 100 -10.22 6.11 12.39
C THR A 100 -11.61 5.45 12.35
N ASP A 101 -11.71 4.20 11.92
CA ASP A 101 -13.02 3.51 11.89
C ASP A 101 -13.41 2.91 13.24
N SER A 102 -14.64 2.40 13.33
CA SER A 102 -15.18 1.93 14.60
C SER A 102 -14.32 0.81 15.23
N LYS A 103 -13.63 0.04 14.40
CA LYS A 103 -12.77 -1.02 14.92
C LYS A 103 -11.33 -0.55 15.12
N GLY A 104 -11.11 0.76 15.16
CA GLY A 104 -9.81 1.31 15.46
C GLY A 104 -8.79 1.37 14.33
N ALA A 105 -9.17 0.86 13.15
CA ALA A 105 -8.28 0.94 11.99
C ALA A 105 -8.14 2.38 11.51
N VAL A 106 -6.90 2.82 11.28
CA VAL A 106 -6.64 4.17 10.78
C VAL A 106 -6.79 4.15 9.27
N ILE A 107 -7.72 4.96 8.78
CA ILE A 107 -8.17 4.92 7.39
C ILE A 107 -7.43 5.95 6.58
N VAL A 108 -7.26 7.12 7.18
CA VAL A 108 -6.55 8.24 6.56
C VAL A 108 -5.66 8.82 7.65
N GLN A 109 -4.43 9.18 7.29
CA GLN A 109 -3.61 10.00 8.18
C GLN A 109 -2.65 10.79 7.29
N LYS A 110 -3.01 12.07 7.06
CA LYS A 110 -2.39 12.88 5.99
C LYS A 110 -2.32 14.33 6.39
N GLU A 111 -1.27 15.01 5.95
CA GLU A 111 -1.23 16.47 6.01
C GLU A 111 -1.93 16.95 4.75
N GLN A 113 -3.90 20.46 2.66
CA GLN A 113 -4.07 21.89 2.62
C GLN A 113 -5.53 22.22 2.37
N SER A 114 -6.11 23.10 3.17
CA SER A 114 -7.50 23.52 2.92
C SER A 114 -7.52 24.33 1.64
N TYR A 115 -8.67 24.36 0.97
CA TYR A 115 -8.76 25.00 -0.33
C TYR A 115 -9.12 26.47 -0.13
N ARG A 116 -9.27 27.22 -1.22
CA ARG A 116 -9.61 28.64 -1.11
C ARG A 116 -10.96 28.89 -0.41
N ASN A 117 -11.85 27.90 -0.45
CA ASN A 117 -13.15 28.04 0.20
C ASN A 117 -13.12 27.63 1.68
N GLY A 118 -11.95 27.24 2.17
CA GLY A 118 -11.79 26.87 3.56
C GLY A 118 -12.16 25.42 3.87
N PHE A 119 -12.52 24.64 2.85
CA PHE A 119 -12.84 23.23 3.07
C PHE A 119 -11.68 22.31 2.72
N ILE A 120 -11.79 21.07 3.17
CA ILE A 120 -10.88 19.98 2.81
C ILE A 120 -11.76 18.81 2.45
N GLY A 121 -11.47 18.12 1.35
CA GLY A 121 -12.28 16.98 0.97
C GLY A 121 -11.54 15.67 1.20
N VAL A 122 -12.23 14.65 1.72
CA VAL A 122 -11.62 13.32 1.87
C VAL A 122 -12.51 12.25 1.25
N TRP A 123 -11.87 11.28 0.61
CA TRP A 123 -12.58 10.14 0.03
C TRP A 123 -12.49 8.95 0.96
N LEU A 124 -13.64 8.43 1.36
CA LEU A 124 -13.72 7.42 2.41
C LEU A 124 -14.49 6.19 1.95
N PRO A 125 -14.17 5.03 2.56
CA PRO A 125 -14.97 3.83 2.32
C PRO A 125 -16.43 4.06 2.77
N ARG A 126 -17.37 3.46 2.06
CA ARG A 126 -18.79 3.65 2.30
C ARG A 126 -19.25 2.75 3.43
N ASN A 127 -20.35 3.12 4.08
CA ASN A 127 -20.92 2.35 5.16
C ASN A 127 -19.93 2.04 6.27
N GLU A 129 -18.39 3.73 10.09
CA GLU A 129 -18.59 4.72 11.14
C GLU A 129 -17.27 4.89 11.84
N GLY A 130 -16.99 6.10 12.31
CA GLY A 130 -15.73 6.35 12.95
C GLY A 130 -15.56 7.79 13.37
N THR A 131 -14.30 8.19 13.50
CA THR A 131 -13.99 9.52 14.00
C THR A 131 -13.07 10.26 13.06
N LEU A 132 -13.37 11.52 12.82
CA LEU A 132 -12.45 12.41 12.11
C LEU A 132 -11.74 13.29 13.13
N GLU A 133 -10.42 13.39 13.04
CA GLU A 133 -9.68 14.34 13.88
C GLU A 133 -8.79 15.26 13.03
N VAL A 134 -8.86 16.56 13.29
CA VAL A 134 -8.08 17.54 12.55
C VAL A 134 -7.15 18.28 13.52
N SER A 135 -5.89 18.46 13.12
CA SER A 135 -4.94 19.25 13.93
C SER A 135 -4.42 20.45 13.17
N TYR A 136 -4.10 21.50 13.93
CA TYR A 136 -3.56 22.73 13.37
C TYR A 136 -2.87 23.48 14.50
N ASN A 137 -1.58 23.72 14.35
CA ASN A 137 -0.79 24.44 15.36
C ASN A 137 -1.03 23.99 16.80
N GLY A 138 -0.99 22.69 17.04
CA GLY A 138 -1.17 22.19 18.40
C GLY A 138 -2.57 22.32 18.93
N LYS A 139 -3.51 22.72 18.08
CA LYS A 139 -4.94 22.67 18.39
C LYS A 139 -5.51 21.45 17.69
N THR A 140 -6.62 20.91 18.20
CA THR A 140 -7.26 19.72 17.61
C THR A 140 -8.77 19.87 17.60
N ALA A 141 -9.42 19.23 16.62
CA ALA A 141 -10.87 19.13 16.57
C ALA A 141 -11.22 17.70 16.20
N SER A 142 -12.33 17.19 16.73
CA SER A 142 -12.76 15.82 16.45
C SER A 142 -14.27 15.78 16.30
N HIS A 143 -14.76 14.83 15.50
CA HIS A 143 -16.20 14.63 15.36
C HIS A 143 -16.47 13.21 14.87
N ALA A 144 -17.55 12.59 15.34
CA ALA A 144 -17.95 11.29 14.81
C ALA A 144 -18.41 11.49 13.37
N ILE A 145 -18.16 10.50 12.53
CA ILE A 145 -18.60 10.55 11.14
C ILE A 145 -19.14 9.20 10.68
N ALA A 146 -19.96 9.22 9.64
CA ALA A 146 -20.51 8.01 9.04
C ALA A 146 -20.61 8.25 7.55
N THR A 147 -20.55 7.20 6.75
CA THR A 147 -20.58 7.34 5.30
C THR A 147 -21.66 6.43 4.70
N SER A 148 -22.85 6.47 5.29
CA SER A 148 -23.94 5.64 4.79
C SER A 148 -24.67 6.42 3.69
N ASP A 149 -25.62 5.77 3.01
CA ASP A 149 -26.23 6.37 1.83
CA ASP A 149 -26.27 6.36 1.84
C ASP A 149 -26.98 7.67 2.12
N ASP A 150 -27.30 7.92 3.38
CA ASP A 150 -28.00 9.16 3.71
C ASP A 150 -27.21 10.10 4.64
N SER A 151 -25.91 9.84 4.80
CA SER A 151 -25.06 10.76 5.59
C SER A 151 -24.78 12.04 4.81
N GLN A 152 -24.56 13.14 5.53
CA GLN A 152 -24.28 14.40 4.85
C GLN A 152 -22.83 14.48 4.40
N THR A 153 -22.59 15.28 3.37
CA THR A 153 -21.27 15.36 2.80
C THR A 153 -20.52 16.60 3.27
N CYS A 154 -21.08 17.31 4.25
CA CYS A 154 -20.46 18.54 4.74
C CYS A 154 -20.39 18.53 6.27
N LEU A 155 -19.20 18.77 6.81
CA LEU A 155 -19.04 18.82 8.25
C LEU A 155 -18.36 20.12 8.67
N THR A 156 -19.08 20.97 9.40
CA THR A 156 -18.48 22.23 9.82
C THR A 156 -18.28 22.30 11.34
N GLU A 157 -18.68 21.24 12.05
CA GLU A 157 -18.58 21.25 13.52
C GLU A 157 -17.21 20.85 14.00
N LEU A 158 -16.19 21.62 13.66
CA LEU A 158 -14.82 21.28 14.04
C LEU A 158 -14.09 22.46 14.66
N PRO A 159 -14.46 22.80 15.91
CA PRO A 159 -13.77 23.88 16.63
C PRO A 159 -12.37 23.46 17.05
N LEU A 160 -11.35 24.14 16.52
CA LEU A 160 -9.97 23.88 16.93
C LEU A 160 -9.75 24.40 18.34
N ARG A 161 -9.31 23.52 19.23
CA ARG A 161 -9.12 23.87 20.63
C ARG A 161 -7.80 23.30 21.14
N ALA B 1 -32.64 24.29 -12.37
CA ALA B 1 -34.07 24.41 -12.07
C ALA B 1 -34.90 23.16 -12.37
N ALA B 3 -35.14 18.87 -13.92
CA ALA B 3 -34.44 17.59 -14.19
C ALA B 3 -34.07 17.45 -15.66
N SER B 4 -32.81 17.13 -15.93
CA SER B 4 -32.36 16.88 -17.29
C SER B 4 -32.93 15.58 -17.86
N SER B 5 -32.87 15.44 -19.19
CA SER B 5 -33.21 14.18 -19.83
C SER B 5 -32.33 13.05 -19.31
N GLU B 6 -31.07 13.40 -19.05
CA GLU B 6 -30.11 12.44 -18.51
C GLU B 6 -30.55 11.94 -17.16
N SER B 7 -30.92 12.87 -16.28
CA SER B 7 -31.38 12.46 -14.95
C SER B 7 -32.64 11.62 -15.04
N ALA B 8 -33.55 12.01 -15.92
CA ALA B 8 -34.78 11.26 -16.10
C ALA B 8 -34.52 9.84 -16.66
N PHE B 9 -33.56 9.72 -17.58
CA PHE B 9 -33.19 8.42 -18.15
C PHE B 9 -32.77 7.49 -17.03
N LEU B 10 -31.89 7.99 -16.15
CA LEU B 10 -31.45 7.20 -15.00
C LEU B 10 -32.62 6.67 -14.17
N ALA B 11 -33.56 7.55 -13.87
CA ALA B 11 -34.72 7.20 -13.05
C ALA B 11 -35.61 6.12 -13.68
N GLN B 12 -35.75 6.15 -15.00
CA GLN B 12 -36.71 5.27 -15.68
C GLN B 12 -36.13 3.91 -16.04
N HIS B 13 -34.81 3.75 -15.93
CA HIS B 13 -34.19 2.48 -16.28
C HIS B 13 -33.66 1.73 -15.08
N GLY B 14 -34.01 2.21 -13.88
CA GLY B 14 -33.64 1.54 -12.65
C GLY B 14 -32.27 1.91 -12.08
N LEU B 15 -31.70 3.00 -12.57
CA LEU B 15 -30.29 3.30 -12.32
C LEU B 15 -30.00 4.44 -11.34
N ALA B 16 -31.04 5.17 -10.92
CA ALA B 16 -30.89 6.30 -10.01
C ALA B 16 -30.50 5.91 -8.57
N GLY B 17 -29.63 6.69 -7.94
CA GLY B 17 -29.18 6.40 -6.59
C GLY B 17 -28.03 5.41 -6.49
N LYS B 18 -27.81 4.64 -7.56
CA LYS B 18 -26.70 3.67 -7.59
C LYS B 18 -25.35 4.35 -7.82
N THR B 19 -24.28 3.77 -7.28
CA THR B 19 -22.94 4.21 -7.64
C THR B 19 -22.69 3.83 -9.09
N VAL B 20 -21.66 4.42 -9.69
CA VAL B 20 -21.44 4.14 -11.11
C VAL B 20 -21.05 2.66 -11.34
N GLU B 21 -20.31 2.07 -10.40
CA GLU B 21 -19.99 0.64 -10.46
C GLU B 21 -21.24 -0.24 -10.41
N GLN B 22 -22.17 0.09 -9.51
CA GLN B 22 -23.42 -0.65 -9.42
C GLN B 22 -24.22 -0.52 -10.71
N ILE B 23 -24.15 0.64 -11.37
CA ILE B 23 -24.87 0.81 -12.65
C ILE B 23 -24.24 -0.08 -13.72
N VAL B 24 -22.93 0.02 -13.88
CA VAL B 24 -22.21 -0.81 -14.85
C VAL B 24 -22.43 -2.29 -14.58
N ASP B 25 -22.23 -2.72 -13.33
CA ASP B 25 -22.50 -4.11 -12.95
C ASP B 25 -23.94 -4.53 -13.28
N THR B 26 -24.90 -3.67 -12.98
CA THR B 26 -26.30 -4.03 -13.19
C THR B 26 -26.56 -4.26 -14.67
N ILE B 27 -26.04 -3.36 -15.50
CA ILE B 27 -26.30 -3.46 -16.93
C ILE B 27 -25.59 -4.65 -17.55
N ASP B 28 -24.31 -4.80 -17.26
CA ASP B 28 -23.53 -5.90 -17.84
C ASP B 28 -24.10 -7.24 -17.42
N GLN B 29 -24.64 -7.31 -16.21
CA GLN B 29 -25.06 -8.60 -15.67
C GLN B 29 -26.55 -8.85 -15.89
N THR B 30 -27.22 -7.98 -16.63
CA THR B 30 -28.68 -8.14 -16.80
C THR B 30 -28.95 -9.48 -17.51
N PRO B 31 -29.84 -10.29 -16.93
CA PRO B 31 -30.13 -11.61 -17.51
C PRO B 31 -31.19 -11.54 -18.60
N GLN B 32 -30.93 -10.73 -19.62
CA GLN B 32 -31.79 -10.68 -20.80
C GLN B 32 -30.93 -10.95 -22.03
N SER B 33 -31.57 -11.46 -23.08
CA SER B 33 -30.88 -11.58 -24.36
C SER B 33 -30.59 -10.18 -24.88
N ARG B 34 -29.58 -10.05 -25.71
CA ARG B 34 -29.27 -8.76 -26.32
C ARG B 34 -29.99 -8.69 -27.67
N PRO B 35 -30.35 -7.47 -28.11
CA PRO B 35 -30.10 -6.16 -27.48
C PRO B 35 -31.01 -5.83 -26.31
N LEU B 36 -30.52 -4.96 -25.42
CA LEU B 36 -31.31 -4.35 -24.37
C LEU B 36 -32.17 -3.24 -24.98
N PRO B 37 -33.17 -2.72 -24.23
CA PRO B 37 -34.01 -1.64 -24.77
C PRO B 37 -33.29 -0.32 -25.02
N TYR B 38 -32.18 -0.07 -24.32
CA TYR B 38 -31.38 1.14 -24.51
C TYR B 38 -29.97 0.66 -24.84
N SER B 39 -29.14 1.55 -25.36
CA SER B 39 -27.74 1.21 -25.63
C SER B 39 -26.82 1.66 -24.48
N ALA B 40 -25.77 0.87 -24.24
CA ALA B 40 -24.80 1.17 -23.20
C ALA B 40 -23.46 0.59 -23.61
N SER B 41 -22.44 1.45 -23.64
CA SER B 41 -21.09 0.99 -23.90
C SER B 41 -20.18 1.65 -22.88
N ILE B 42 -19.00 1.10 -22.68
CA ILE B 42 -18.11 1.62 -21.66
C ILE B 42 -16.70 1.80 -22.18
N THR B 43 -16.08 2.92 -21.84
CA THR B 43 -14.71 3.23 -22.23
C THR B 43 -13.88 3.27 -20.97
N SER B 44 -12.61 3.61 -21.10
CA SER B 44 -11.74 3.66 -19.94
C SER B 44 -12.22 4.70 -18.93
N THR B 45 -12.95 5.71 -19.40
CA THR B 45 -13.31 6.80 -18.51
C THR B 45 -14.79 7.12 -18.43
N GLU B 46 -15.60 6.58 -19.35
CA GLU B 46 -17.02 6.91 -19.41
C GLU B 46 -17.95 5.72 -19.62
N LEU B 47 -19.13 5.79 -19.02
CA LEU B 47 -20.23 4.92 -19.40
C LEU B 47 -21.12 5.75 -20.33
N LYS B 48 -21.39 5.28 -21.55
CA LYS B 48 -22.24 6.04 -22.49
C LYS B 48 -23.59 5.37 -22.60
N LEU B 49 -24.66 6.16 -22.44
CA LEU B 49 -26.00 5.60 -22.45
C LEU B 49 -26.84 6.34 -23.47
N SER B 50 -27.74 5.60 -24.12
CA SER B 50 -28.65 6.22 -25.08
C SER B 50 -30.01 5.52 -25.18
N ASP B 51 -31.05 6.34 -25.40
CA ASP B 51 -32.45 5.91 -25.52
C ASP B 51 -32.84 6.00 -27.00
N GLY B 52 -31.99 6.67 -27.76
CA GLY B 52 -32.29 6.96 -29.15
C GLY B 52 -31.06 7.62 -29.73
N GLU B 53 -31.25 8.74 -30.44
CA GLU B 53 -30.12 9.44 -31.03
C GLU B 53 -29.22 10.08 -29.98
N GLN B 54 -29.83 10.43 -28.84
CA GLN B 54 -29.21 11.26 -27.80
C GLN B 54 -28.38 10.45 -26.78
N ILE B 55 -27.19 10.94 -26.47
CA ILE B 55 -26.24 10.18 -25.67
C ILE B 55 -25.90 10.86 -24.36
N TYR B 56 -25.92 10.10 -23.27
CA TYR B 56 -25.57 10.61 -21.95
C TYR B 56 -24.25 9.98 -21.57
N THR B 57 -23.41 10.72 -20.86
CA THR B 57 -22.11 10.19 -20.43
C THR B 57 -21.89 10.32 -18.94
N LEU B 58 -21.64 9.18 -18.28
CA LEU B 58 -21.40 9.16 -16.86
C LEU B 58 -19.95 8.80 -16.63
N PRO B 59 -19.21 9.70 -15.96
CA PRO B 59 -17.79 9.42 -15.67
C PRO B 59 -17.64 8.20 -14.76
N LEU B 60 -16.63 7.39 -15.03
CA LEU B 60 -16.27 6.29 -14.13
C LEU B 60 -15.52 6.81 -12.92
N GLY B 61 -15.23 5.90 -11.99
CA GLY B 61 -14.52 6.25 -10.78
C GLY B 61 -13.07 5.83 -10.82
N ASP B 62 -12.51 5.52 -9.64
CA ASP B 62 -11.07 5.24 -9.48
C ASP B 62 -10.64 3.95 -10.17
N LYS B 63 -11.59 3.07 -10.46
CA LYS B 63 -11.28 1.77 -11.01
C LYS B 63 -11.60 1.67 -12.51
N PHE B 64 -10.75 0.96 -13.23
CA PHE B 64 -10.96 0.65 -14.63
C PHE B 64 -11.82 -0.62 -14.75
N TYR B 65 -12.80 -0.60 -15.64
CA TYR B 65 -13.63 -1.78 -15.89
C TYR B 65 -13.17 -2.51 -17.14
N LEU B 66 -12.73 -3.74 -16.94
CA LEU B 66 -12.44 -4.62 -18.05
C LEU B 66 -13.48 -5.73 -18.13
N SER B 67 -14.13 -5.89 -19.28
CA SER B 67 -15.10 -6.98 -19.45
C SER B 67 -14.57 -7.95 -20.51
N PHE B 68 -14.47 -9.23 -20.16
CA PHE B 68 -13.90 -10.18 -21.11
C PHE B 68 -14.80 -11.40 -21.32
N ALA B 69 -14.63 -12.05 -22.47
CA ALA B 69 -15.50 -13.16 -22.82
C ALA B 69 -14.64 -14.29 -23.33
N PRO B 70 -14.42 -15.33 -22.52
CA PRO B 70 -13.63 -16.45 -23.02
C PRO B 70 -14.39 -17.18 -24.12
N TYR B 71 -13.68 -17.91 -24.98
CA TYR B 71 -14.37 -18.68 -26.00
C TYR B 71 -13.67 -19.98 -26.31
N GLU B 72 -14.38 -20.88 -26.98
CA GLU B 72 -13.80 -22.17 -27.35
C GLU B 72 -13.68 -22.32 -28.85
N TRP B 73 -14.71 -21.84 -29.54
CA TRP B 73 -14.81 -22.02 -30.99
C TRP B 73 -14.46 -20.74 -31.76
N ARG B 74 -15.32 -19.73 -31.67
CA ARG B 74 -15.13 -18.49 -32.43
C ARG B 74 -15.30 -17.25 -31.57
N THR B 75 -14.73 -16.14 -32.04
CA THR B 75 -14.83 -14.87 -31.32
C THR B 75 -15.06 -13.71 -32.28
N HIS B 76 -15.29 -12.53 -31.73
CA HIS B 76 -15.49 -11.33 -32.54
C HIS B 76 -14.65 -10.22 -31.93
N PRO B 77 -14.17 -9.29 -32.76
CA PRO B 77 -13.33 -8.20 -32.25
C PRO B 77 -14.14 -7.19 -31.46
N CYS B 78 -13.46 -6.44 -30.60
CA CYS B 78 -14.13 -5.59 -29.62
C CYS B 78 -13.07 -4.62 -29.12
N PHE B 79 -13.38 -3.31 -29.09
CA PHE B 79 -12.48 -2.40 -28.42
C PHE B 79 -13.11 -1.86 -27.13
N ASN B 80 -14.19 -1.10 -27.27
CA ASN B 80 -14.97 -0.72 -26.11
C ASN B 80 -16.18 -1.64 -25.95
N HIS B 81 -16.35 -2.18 -24.75
CA HIS B 81 -17.40 -3.18 -24.50
C HIS B 81 -18.80 -2.63 -24.64
N SER B 82 -19.65 -3.32 -25.38
CA SER B 82 -21.06 -2.99 -25.45
C SER B 82 -21.82 -3.77 -24.39
N LEU B 83 -22.32 -3.07 -23.37
CA LEU B 83 -23.00 -3.73 -22.27
C LEU B 83 -24.41 -4.16 -22.68
N SER B 84 -24.87 -3.63 -23.80
CA SER B 84 -26.26 -3.80 -24.19
C SER B 84 -26.46 -4.61 -25.46
N GLY B 85 -25.40 -4.77 -26.25
CA GLY B 85 -25.56 -5.35 -27.58
C GLY B 85 -24.80 -6.62 -27.90
N GLN B 87 -23.00 -10.44 -27.45
CA GLN B 87 -23.20 -11.75 -26.82
C GLN B 87 -21.92 -12.57 -26.94
N GLY B 88 -21.39 -13.05 -25.82
CA GLY B 88 -20.24 -13.95 -25.85
C GLY B 88 -20.70 -15.38 -26.05
N GLU B 89 -19.75 -16.25 -26.42
CA GLU B 89 -20.02 -17.65 -26.70
C GLU B 89 -20.39 -18.47 -25.46
N PRO B 91 -22.11 -18.12 -22.01
CA PRO B 91 -22.90 -17.58 -20.90
C PRO B 91 -23.01 -18.55 -19.73
N ASN B 92 -23.23 -17.99 -18.54
CA ASN B 92 -23.48 -18.77 -17.32
C ASN B 92 -22.55 -19.96 -17.11
N LYS B 93 -21.26 -19.73 -17.27
CA LYS B 93 -20.28 -20.79 -17.06
C LYS B 93 -19.37 -20.39 -15.91
N PRO B 94 -18.88 -21.36 -15.14
CA PRO B 94 -17.97 -21.04 -14.04
C PRO B 94 -16.55 -20.93 -14.57
N PHE B 95 -15.86 -19.86 -14.21
CA PHE B 95 -14.46 -19.71 -14.61
C PHE B 95 -13.57 -19.46 -13.40
N THR B 96 -12.29 -19.79 -13.52
CA THR B 96 -11.30 -19.31 -12.55
C THR B 96 -10.55 -18.14 -13.18
N VAL B 97 -10.48 -17.02 -12.47
CA VAL B 97 -9.96 -15.78 -13.04
C VAL B 97 -8.79 -15.27 -12.20
N LYS B 98 -7.66 -15.03 -12.86
CA LYS B 98 -6.51 -14.45 -12.15
C LYS B 98 -5.96 -13.25 -12.87
N VAL B 99 -5.81 -12.13 -12.16
CA VAL B 99 -5.16 -10.98 -12.75
C VAL B 99 -3.93 -10.63 -11.92
N THR B 100 -2.79 -10.53 -12.61
CA THR B 100 -1.52 -10.26 -11.96
C THR B 100 -0.86 -9.05 -12.60
N ASP B 101 -0.29 -8.15 -11.81
CA ASP B 101 0.32 -6.94 -12.40
C ASP B 101 1.77 -7.16 -12.82
N SER B 102 2.40 -6.13 -13.39
CA SER B 102 3.75 -6.27 -13.94
C SER B 102 4.83 -6.57 -12.89
N LYS B 103 4.56 -6.29 -11.63
CA LYS B 103 5.53 -6.61 -10.58
C LYS B 103 5.15 -7.85 -9.76
N GLY B 104 4.19 -8.62 -10.29
CA GLY B 104 3.85 -9.91 -9.73
C GLY B 104 2.68 -9.96 -8.77
N ALA B 105 2.18 -8.80 -8.37
CA ALA B 105 1.10 -8.74 -7.40
C ALA B 105 -0.17 -9.35 -7.97
N VAL B 106 -0.81 -10.22 -7.21
CA VAL B 106 -2.11 -10.76 -7.62
C VAL B 106 -3.23 -9.78 -7.27
N ILE B 107 -3.93 -9.28 -8.29
CA ILE B 107 -4.97 -8.29 -8.08
C ILE B 107 -6.32 -8.99 -7.96
N VAL B 108 -6.48 -10.02 -8.79
CA VAL B 108 -7.70 -10.80 -8.79
C VAL B 108 -7.35 -12.26 -8.82
N GLN B 109 -7.98 -13.03 -7.95
CA GLN B 109 -7.85 -14.48 -8.00
C GLN B 109 -9.10 -15.09 -7.39
N LYS B 110 -10.01 -15.54 -8.24
CA LYS B 110 -11.22 -16.20 -7.74
C LYS B 110 -12.06 -16.89 -8.80
N GLU B 111 -12.98 -17.72 -8.33
CA GLU B 111 -14.00 -18.33 -9.18
C GLU B 111 -15.05 -17.28 -9.53
N GLN B 113 -18.47 -16.42 -12.27
CA GLN B 113 -19.47 -16.94 -13.20
C GLN B 113 -19.69 -15.94 -14.32
N SER B 114 -19.56 -16.37 -15.57
CA SER B 114 -19.88 -15.48 -16.70
C SER B 114 -21.37 -15.12 -16.66
N TYR B 115 -21.71 -13.97 -17.21
CA TYR B 115 -23.11 -13.51 -17.17
C TYR B 115 -23.89 -14.07 -18.35
N ARG B 116 -25.16 -13.69 -18.43
CA ARG B 116 -26.07 -14.09 -19.51
C ARG B 116 -25.49 -13.70 -20.87
N ASN B 117 -24.74 -12.59 -20.90
CA ASN B 117 -24.14 -12.12 -22.13
C ASN B 117 -22.78 -12.76 -22.44
N GLY B 118 -22.36 -13.73 -21.63
CA GLY B 118 -21.10 -14.43 -21.85
C GLY B 118 -19.84 -13.69 -21.38
N PHE B 119 -20.03 -12.54 -20.74
CA PHE B 119 -18.87 -11.78 -20.24
C PHE B 119 -18.66 -11.94 -18.74
N ILE B 120 -17.45 -11.58 -18.31
CA ILE B 120 -17.15 -11.34 -16.91
C ILE B 120 -16.50 -9.96 -16.80
N GLY B 121 -16.92 -9.16 -15.83
CA GLY B 121 -16.31 -7.86 -15.62
C GLY B 121 -15.46 -7.80 -14.35
N VAL B 122 -14.27 -7.19 -14.44
CA VAL B 122 -13.49 -6.94 -13.23
C VAL B 122 -13.16 -5.46 -13.08
N TRP B 123 -13.04 -5.02 -11.83
CA TRP B 123 -12.67 -3.64 -11.55
C TRP B 123 -11.21 -3.59 -11.11
N LEU B 124 -10.41 -2.84 -11.85
CA LEU B 124 -8.96 -2.93 -11.73
C LEU B 124 -8.35 -1.56 -11.44
N PRO B 125 -7.22 -1.53 -10.72
CA PRO B 125 -6.49 -0.27 -10.53
C PRO B 125 -6.14 0.34 -11.87
N ARG B 126 -6.16 1.66 -11.99
CA ARG B 126 -5.84 2.32 -13.25
C ARG B 126 -4.33 2.39 -13.47
N ASN B 127 -3.92 2.52 -14.72
CA ASN B 127 -2.52 2.67 -15.08
C ASN B 127 -1.62 1.51 -14.65
N GLU B 129 -0.17 -2.48 -15.86
CA GLU B 129 0.01 -3.40 -16.97
C GLU B 129 0.10 -4.78 -16.33
N GLY B 130 -0.38 -5.80 -17.01
CA GLY B 130 -0.29 -7.13 -16.42
C GLY B 130 -0.83 -8.22 -17.31
N THR B 131 -1.33 -9.27 -16.68
CA THR B 131 -1.80 -10.45 -17.40
C THR B 131 -3.10 -10.91 -16.79
N LEU B 132 -4.06 -11.27 -17.63
CA LEU B 132 -5.27 -11.94 -17.18
C LEU B 132 -5.18 -13.40 -17.61
N GLU B 133 -5.44 -14.32 -16.69
CA GLU B 133 -5.55 -15.74 -17.07
C GLU B 133 -6.90 -16.23 -16.68
N VAL B 134 -7.51 -17.02 -17.56
CA VAL B 134 -8.82 -17.57 -17.31
C VAL B 134 -8.71 -19.09 -17.49
N SER B 135 -9.43 -19.84 -16.68
CA SER B 135 -9.39 -21.29 -16.84
C SER B 135 -10.78 -21.90 -16.67
N TYR B 136 -11.05 -22.94 -17.47
CA TYR B 136 -12.36 -23.60 -17.48
C TYR B 136 -12.17 -25.06 -17.85
N ASN B 137 -12.63 -25.96 -16.97
CA ASN B 137 -12.64 -27.42 -17.22
C ASN B 137 -11.34 -27.93 -17.87
N GLY B 138 -10.22 -27.63 -17.23
CA GLY B 138 -8.94 -28.12 -17.69
C GLY B 138 -8.25 -27.25 -18.73
N LYS B 139 -8.93 -26.22 -19.23
CA LYS B 139 -8.41 -25.42 -20.33
C LYS B 139 -8.11 -24.00 -19.86
N THR B 140 -7.13 -23.35 -20.48
CA THR B 140 -6.74 -22.00 -20.06
C THR B 140 -6.56 -21.05 -21.24
N ALA B 141 -6.67 -19.75 -20.93
CA ALA B 141 -6.31 -18.72 -21.89
C ALA B 141 -5.68 -17.59 -21.11
N SER B 142 -4.78 -16.85 -21.73
CA SER B 142 -4.28 -15.66 -21.07
C SER B 142 -3.95 -14.57 -22.06
N HIS B 143 -3.86 -13.35 -21.56
CA HIS B 143 -3.63 -12.21 -22.45
C HIS B 143 -3.08 -11.05 -21.65
N ALA B 144 -2.21 -10.28 -22.29
CA ALA B 144 -1.68 -9.09 -21.67
C ALA B 144 -2.83 -8.10 -21.54
N ILE B 145 -2.86 -7.36 -20.45
CA ILE B 145 -3.85 -6.32 -20.30
C ILE B 145 -3.19 -5.05 -19.79
N ALA B 146 -3.89 -3.94 -19.96
CA ALA B 146 -3.42 -2.68 -19.39
C ALA B 146 -4.64 -1.83 -19.06
N THR B 147 -4.49 -0.89 -18.13
CA THR B 147 -5.63 -0.09 -17.68
C THR B 147 -5.34 1.41 -17.73
N SER B 148 -4.63 1.82 -18.78
CA SER B 148 -4.39 3.23 -19.00
C SER B 148 -5.61 3.85 -19.68
N ASP B 149 -5.61 5.17 -19.87
CA ASP B 149 -6.78 5.81 -20.45
C ASP B 149 -7.06 5.43 -21.90
N ASP B 150 -6.05 4.92 -22.61
CA ASP B 150 -6.27 4.51 -23.99
C ASP B 150 -6.46 3.00 -24.14
N SER B 151 -6.54 2.28 -23.02
CA SER B 151 -6.71 0.83 -23.06
C SER B 151 -8.16 0.43 -23.30
N GLN B 152 -8.34 -0.68 -24.01
CA GLN B 152 -9.68 -1.19 -24.35
C GLN B 152 -10.39 -1.73 -23.11
N THR B 153 -11.72 -1.69 -23.11
CA THR B 153 -12.49 -2.22 -22.00
C THR B 153 -13.07 -3.58 -22.34
N CYS B 154 -12.79 -4.04 -23.56
CA CYS B 154 -13.33 -5.31 -24.01
C CYS B 154 -12.19 -6.22 -24.46
N LEU B 155 -12.17 -7.43 -23.90
CA LEU B 155 -11.14 -8.42 -24.25
C LEU B 155 -11.83 -9.70 -24.70
N THR B 156 -11.73 -10.02 -26.00
CA THR B 156 -12.39 -11.23 -26.52
C THR B 156 -11.36 -12.25 -27.03
N GLU B 157 -10.09 -11.86 -27.02
CA GLU B 157 -9.01 -12.73 -27.52
C GLU B 157 -8.58 -13.75 -26.48
N LEU B 158 -9.50 -14.59 -26.04
CA LEU B 158 -9.20 -15.56 -24.99
C LEU B 158 -9.61 -16.96 -25.38
N PRO B 159 -8.92 -17.55 -26.37
CA PRO B 159 -9.25 -18.93 -26.78
C PRO B 159 -8.78 -19.99 -25.78
N LEU B 160 -9.75 -20.67 -25.18
CA LEU B 160 -9.45 -21.74 -24.22
C LEU B 160 -8.80 -22.92 -24.91
N ARG B 161 -7.59 -23.28 -24.50
CA ARG B 161 -6.94 -24.49 -25.02
C ARG B 161 -6.42 -25.32 -23.85
N ALA C 1 33.84 -23.79 11.35
CA ALA C 1 33.68 -24.77 12.42
C ALA C 1 33.75 -24.18 13.82
N ALA C 3 33.29 -20.45 16.57
CA ALA C 3 32.68 -19.12 16.71
C ALA C 3 33.68 -18.03 16.40
N SER C 4 33.25 -17.04 15.63
CA SER C 4 34.06 -15.87 15.33
C SER C 4 34.15 -14.92 16.51
N SER C 5 35.12 -14.01 16.46
CA SER C 5 35.20 -12.93 17.45
C SER C 5 33.91 -12.12 17.44
N GLU C 6 33.33 -11.97 16.25
CA GLU C 6 32.11 -11.21 16.08
C GLU C 6 30.94 -11.85 16.83
N SER C 7 30.77 -13.16 16.66
CA SER C 7 29.65 -13.85 17.28
C SER C 7 29.85 -13.83 18.78
N ALA C 8 31.11 -13.93 19.19
CA ALA C 8 31.44 -13.93 20.61
C ALA C 8 31.17 -12.58 21.25
N PHE C 9 31.50 -11.49 20.54
CA PHE C 9 31.20 -10.14 21.00
C PHE C 9 29.69 -10.00 21.26
N LEU C 10 28.88 -10.46 20.31
CA LEU C 10 27.43 -10.41 20.43
C LEU C 10 26.94 -11.17 21.67
N ALA C 11 27.48 -12.37 21.85
CA ALA C 11 27.06 -13.24 22.95
C ALA C 11 27.47 -12.68 24.31
N GLN C 12 28.65 -12.07 24.37
CA GLN C 12 29.17 -11.54 25.63
C GLN C 12 28.51 -10.21 26.06
N HIS C 13 27.93 -9.49 25.11
CA HIS C 13 27.32 -8.20 25.42
C HIS C 13 25.78 -8.29 25.46
N GLY C 14 25.26 -9.51 25.40
CA GLY C 14 23.83 -9.73 25.55
C GLY C 14 23.01 -9.32 24.33
N LEU C 15 23.53 -9.62 23.15
CA LEU C 15 22.91 -9.16 21.89
C LEU C 15 22.58 -10.32 20.97
N ALA C 16 22.86 -11.54 21.43
CA ALA C 16 22.63 -12.74 20.64
C ALA C 16 21.15 -13.09 20.53
N GLY C 17 20.72 -13.47 19.34
CA GLY C 17 19.33 -13.87 19.14
C GLY C 17 18.34 -12.72 19.02
N LYS C 18 18.80 -11.48 19.26
CA LYS C 18 18.00 -10.28 19.02
C LYS C 18 17.99 -9.99 17.52
N THR C 19 16.90 -9.41 17.03
CA THR C 19 16.88 -8.89 15.66
C THR C 19 17.77 -7.66 15.63
N VAL C 20 18.15 -7.22 14.43
CA VAL C 20 19.08 -6.09 14.33
C VAL C 20 18.44 -4.80 14.85
N GLU C 21 17.13 -4.64 14.64
CA GLU C 21 16.38 -3.54 15.24
C GLU C 21 16.40 -3.57 16.76
N GLN C 22 16.21 -4.75 17.33
CA GLN C 22 16.28 -4.89 18.78
C GLN C 22 17.69 -4.58 19.32
N ILE C 23 18.72 -4.94 18.57
CA ILE C 23 20.09 -4.59 18.99
C ILE C 23 20.30 -3.07 18.95
N VAL C 24 19.98 -2.45 17.81
CA VAL C 24 20.05 -0.99 17.74
C VAL C 24 19.23 -0.30 18.83
N ASP C 25 17.96 -0.71 18.99
CA ASP C 25 17.13 -0.15 20.06
C ASP C 25 17.76 -0.28 21.45
N THR C 26 18.30 -1.45 21.76
CA THR C 26 18.89 -1.71 23.08
C THR C 26 20.08 -0.81 23.35
N ILE C 27 20.97 -0.70 22.36
CA ILE C 27 22.14 0.15 22.52
C ILE C 27 21.78 1.64 22.66
N ASP C 28 20.96 2.17 21.75
CA ASP C 28 20.60 3.59 21.77
C ASP C 28 19.89 3.97 23.06
N GLN C 29 19.10 3.03 23.59
CA GLN C 29 18.22 3.33 24.71
C GLN C 29 18.84 3.01 26.07
N THR C 30 20.06 2.48 26.05
CA THR C 30 20.70 2.07 27.30
C THR C 30 20.76 3.26 28.28
N PRO C 31 20.38 3.00 29.53
CA PRO C 31 20.36 4.04 30.56
C PRO C 31 21.71 4.22 31.21
N GLN C 32 22.78 4.09 30.45
CA GLN C 32 24.13 4.34 30.94
C GLN C 32 24.59 5.74 30.53
N SER C 33 25.50 6.31 31.31
CA SER C 33 26.17 7.54 30.91
C SER C 33 27.05 7.17 29.72
N ARG C 34 27.31 8.13 28.85
CA ARG C 34 28.27 7.87 27.78
C ARG C 34 29.65 8.32 28.28
N PRO C 35 30.72 7.66 27.83
CA PRO C 35 30.79 6.60 26.80
C PRO C 35 30.36 5.20 27.25
N LEU C 36 29.99 4.35 26.30
CA LEU C 36 29.81 2.92 26.56
C LEU C 36 31.18 2.24 26.46
N PRO C 37 31.32 1.00 26.97
CA PRO C 37 32.62 0.28 26.94
C PRO C 37 33.10 -0.14 25.55
N TYR C 38 32.18 -0.24 24.60
CA TYR C 38 32.52 -0.52 23.20
C TYR C 38 31.99 0.65 22.38
N SER C 39 32.46 0.79 21.14
CA SER C 39 31.86 1.80 20.25
C SER C 39 30.73 1.20 19.42
N ALA C 40 29.68 1.98 19.24
CA ALA C 40 28.58 1.60 18.36
C ALA C 40 28.20 2.81 17.53
N SER C 41 28.29 2.66 16.22
CA SER C 41 27.94 3.73 15.31
C SER C 41 26.99 3.17 14.25
N ILE C 42 26.00 3.96 13.81
CA ILE C 42 25.05 3.45 12.83
C ILE C 42 24.97 4.29 11.53
N THR C 43 24.97 3.62 10.39
CA THR C 43 24.87 4.30 9.09
C THR C 43 23.54 3.93 8.47
N SER C 44 23.36 4.30 7.22
CA SER C 44 22.11 4.00 6.55
C SER C 44 21.93 2.50 6.35
N THR C 45 23.03 1.75 6.30
CA THR C 45 22.89 0.34 5.95
C THR C 45 23.55 -0.61 6.93
N GLU C 46 24.29 -0.10 7.91
CA GLU C 46 24.92 -1.01 8.87
C GLU C 46 25.11 -0.45 10.27
N LEU C 47 25.22 -1.35 11.23
CA LEU C 47 25.54 -0.99 12.60
C LEU C 47 27.00 -1.40 12.78
N LYS C 48 27.83 -0.48 13.26
CA LYS C 48 29.25 -0.75 13.43
C LYS C 48 29.61 -0.89 14.90
N LEU C 49 30.18 -2.03 15.28
CA LEU C 49 30.52 -2.29 16.68
C LEU C 49 32.02 -2.50 16.83
N SER C 50 32.62 -1.89 17.84
CA SER C 50 34.05 -2.11 18.04
C SER C 50 34.47 -2.19 19.50
N ASP C 51 35.51 -2.98 19.74
CA ASP C 51 36.11 -3.16 21.06
C ASP C 51 37.53 -2.61 21.10
N GLY C 52 37.95 -1.94 20.03
CA GLY C 52 39.30 -1.41 19.93
C GLY C 52 40.25 -2.27 19.11
N GLU C 53 40.13 -3.58 19.26
CA GLU C 53 40.97 -4.51 18.50
C GLU C 53 40.39 -4.78 17.10
N GLN C 54 39.08 -4.93 17.02
CA GLN C 54 38.41 -5.19 15.74
C GLN C 54 37.12 -4.41 15.60
N ILE C 55 36.65 -4.30 14.37
CA ILE C 55 35.36 -3.69 14.09
C ILE C 55 34.44 -4.70 13.39
N TYR C 56 33.23 -4.86 13.95
CA TYR C 56 32.24 -5.76 13.40
C TYR C 56 31.11 -4.95 12.78
N THR C 57 30.53 -5.49 11.72
CA THR C 57 29.45 -4.80 11.01
C THR C 57 28.22 -5.66 10.84
N LEU C 58 27.09 -5.16 11.32
CA LEU C 58 25.84 -5.88 11.23
C LEU C 58 24.95 -5.13 10.27
N PRO C 59 24.66 -5.74 9.12
CA PRO C 59 23.75 -5.16 8.12
C PRO C 59 22.40 -4.81 8.74
N LEU C 60 21.86 -3.63 8.40
CA LEU C 60 20.51 -3.28 8.81
C LEU C 60 19.45 -4.01 7.99
N GLY C 61 18.18 -3.82 8.35
CA GLY C 61 17.09 -4.46 7.64
C GLY C 61 16.36 -3.54 6.68
N ASP C 62 15.05 -3.75 6.53
CA ASP C 62 14.26 -3.06 5.51
C ASP C 62 14.07 -1.60 5.85
N LYS C 63 14.30 -1.26 7.11
CA LYS C 63 14.06 0.11 7.52
C LYS C 63 15.31 0.91 7.84
N PHE C 64 15.22 2.20 7.56
CA PHE C 64 16.28 3.18 7.84
C PHE C 64 16.09 3.66 9.27
N TYR C 65 17.18 3.70 10.05
CA TYR C 65 17.14 4.25 11.41
C TYR C 65 17.59 5.68 11.40
N LEU C 66 16.69 6.58 11.80
CA LEU C 66 17.05 7.98 12.02
C LEU C 66 16.99 8.31 13.50
N SER C 67 18.10 8.75 14.08
CA SER C 67 18.12 9.13 15.49
C SER C 67 18.27 10.64 15.55
N PHE C 68 17.43 11.30 16.35
CA PHE C 68 17.47 12.76 16.37
C PHE C 68 17.46 13.28 17.79
N ALA C 69 18.01 14.48 17.99
CA ALA C 69 18.09 15.07 19.32
C ALA C 69 17.70 16.53 19.29
N PRO C 70 16.49 16.84 19.81
CA PRO C 70 16.05 18.24 19.85
C PRO C 70 16.88 18.99 20.87
N TYR C 71 16.96 20.31 20.73
CA TYR C 71 17.70 21.12 21.70
C TYR C 71 17.02 22.47 21.85
N GLU C 72 17.36 23.15 22.94
CA GLU C 72 16.84 24.50 23.19
C GLU C 72 17.95 25.52 23.17
N TRP C 73 19.11 25.13 23.72
CA TRP C 73 20.24 26.05 23.90
C TRP C 73 21.35 25.76 22.91
N ARG C 74 21.99 24.60 23.05
CA ARG C 74 23.11 24.27 22.17
C ARG C 74 23.05 22.87 21.61
N THR C 75 23.75 22.68 20.50
CA THR C 75 23.76 21.40 19.83
C THR C 75 25.15 21.13 19.25
N HIS C 76 25.34 19.94 18.70
CA HIS C 76 26.59 19.58 18.05
C HIS C 76 26.27 18.86 16.75
N PRO C 77 27.15 18.97 15.74
CA PRO C 77 26.90 18.31 14.46
C PRO C 77 27.15 16.81 14.56
N CYS C 78 26.57 16.05 13.64
CA CYS C 78 26.85 14.63 13.57
C CYS C 78 26.40 14.14 12.21
N PHE C 79 27.01 13.09 11.69
CA PHE C 79 26.51 12.56 10.43
C PHE C 79 25.92 11.18 10.66
N ASN C 80 26.77 10.28 11.13
CA ASN C 80 26.32 8.97 11.59
C ASN C 80 26.22 8.96 13.11
N HIS C 81 25.02 8.64 13.61
CA HIS C 81 24.75 8.65 15.06
C HIS C 81 25.66 7.71 15.82
N SER C 82 26.29 8.22 16.87
CA SER C 82 27.08 7.40 17.76
C SER C 82 26.18 6.95 18.91
N LEU C 83 25.84 5.66 18.90
CA LEU C 83 24.96 5.11 19.94
C LEU C 83 25.71 5.04 21.25
N SER C 84 27.03 5.18 21.19
CA SER C 84 27.86 4.86 22.35
C SER C 84 28.58 6.06 22.92
N GLY C 85 28.72 7.12 22.13
CA GLY C 85 29.59 8.22 22.52
C GLY C 85 28.93 9.58 22.71
N GLN C 87 26.03 12.58 23.61
CA GLN C 87 24.99 12.93 24.57
C GLN C 87 24.23 14.14 24.07
N GLY C 88 22.91 14.00 23.93
CA GLY C 88 22.06 15.13 23.57
C GLY C 88 21.70 15.99 24.76
N GLU C 89 21.21 17.19 24.47
CA GLU C 89 20.92 18.17 25.51
C GLU C 89 19.71 17.81 26.35
N PRO C 91 17.78 14.79 27.75
CA PRO C 91 17.49 13.40 28.10
C PRO C 91 16.14 13.23 28.79
N ASN C 92 15.51 12.08 28.55
CA ASN C 92 14.30 11.66 29.28
C ASN C 92 13.18 12.69 29.31
N LYS C 93 12.87 13.25 28.14
CA LYS C 93 11.84 14.27 28.00
C LYS C 93 10.74 13.75 27.08
N PRO C 94 9.51 14.22 27.27
CA PRO C 94 8.41 13.83 26.38
C PRO C 94 8.33 14.75 25.17
N PHE C 95 8.24 14.17 23.99
CA PHE C 95 8.07 14.97 22.77
C PHE C 95 6.87 14.45 22.01
N THR C 96 6.31 15.27 21.12
CA THR C 96 5.41 14.73 20.12
C THR C 96 6.18 14.73 18.81
N VAL C 97 6.14 13.60 18.12
CA VAL C 97 6.96 13.38 16.94
C VAL C 97 6.07 13.07 15.75
N LYS C 98 6.21 13.84 14.68
CA LYS C 98 5.48 13.57 13.45
C LYS C 98 6.43 13.49 12.25
N VAL C 99 6.37 12.39 11.53
CA VAL C 99 7.10 12.27 10.26
C VAL C 99 6.08 12.14 9.13
N THR C 100 6.25 12.97 8.10
CA THR C 100 5.35 12.94 6.95
C THR C 100 6.18 12.82 5.68
N ASP C 101 5.71 12.05 4.71
CA ASP C 101 6.49 11.89 3.48
C ASP C 101 6.18 12.99 2.46
N SER C 102 6.89 12.97 1.34
CA SER C 102 6.74 14.00 0.31
C SER C 102 5.31 14.11 -0.27
N LYS C 103 4.49 13.10 -0.04
CA LYS C 103 3.11 13.08 -0.57
C LYS C 103 2.07 13.47 0.47
N GLY C 104 2.53 13.78 1.68
CA GLY C 104 1.63 14.21 2.74
C GLY C 104 1.23 13.11 3.72
N ALA C 105 1.55 11.88 3.36
CA ALA C 105 1.21 10.74 4.21
C ALA C 105 1.97 10.77 5.54
N VAL C 106 1.23 10.67 6.64
CA VAL C 106 1.85 10.63 7.96
C VAL C 106 2.41 9.23 8.22
N ILE C 107 3.71 9.15 8.47
CA ILE C 107 4.40 7.88 8.64
C ILE C 107 4.46 7.58 10.13
N VAL C 108 4.81 8.60 10.90
CA VAL C 108 4.88 8.51 12.35
C VAL C 108 4.12 9.65 12.96
N GLN C 109 3.30 9.35 13.96
CA GLN C 109 2.66 10.39 14.77
C GLN C 109 2.42 9.80 16.14
N LYS C 110 3.25 10.19 17.11
CA LYS C 110 3.08 9.65 18.45
C LYS C 110 3.88 10.45 19.46
N GLU C 111 3.53 10.22 20.73
CA GLU C 111 4.29 10.77 21.83
C GLU C 111 5.46 9.83 22.13
N GLN C 113 9.44 9.44 24.14
CA GLN C 113 10.27 9.93 25.23
C GLN C 113 11.72 9.82 24.80
N SER C 114 12.50 10.90 24.94
CA SER C 114 13.92 10.80 24.59
C SER C 114 14.61 9.86 25.56
N TYR C 115 15.71 9.24 25.11
CA TYR C 115 16.44 8.29 25.94
C TYR C 115 17.41 9.03 26.83
N ARG C 116 18.15 8.28 27.63
CA ARG C 116 19.15 8.83 28.55
C ARG C 116 20.20 9.64 27.78
N ASN C 117 20.43 9.28 26.52
CA ASN C 117 21.41 9.97 25.68
C ASN C 117 20.81 11.17 24.96
N GLY C 118 19.58 11.52 25.30
CA GLY C 118 18.91 12.68 24.72
C GLY C 118 18.43 12.51 23.29
N PHE C 119 18.52 11.29 22.76
CA PHE C 119 18.05 11.02 21.40
C PHE C 119 16.70 10.28 21.37
N ILE C 120 16.07 10.31 20.20
CA ILE C 120 14.93 9.45 19.89
C ILE C 120 15.24 8.77 18.57
N GLY C 121 14.99 7.47 18.47
CA GLY C 121 15.20 6.76 17.21
C GLY C 121 13.88 6.38 16.56
N VAL C 122 13.77 6.55 15.25
CA VAL C 122 12.57 6.09 14.53
C VAL C 122 12.98 5.19 13.36
N TRP C 123 12.19 4.14 13.10
CA TRP C 123 12.42 3.28 11.96
C TRP C 123 11.50 3.68 10.82
N LEU C 124 12.09 4.04 9.68
CA LEU C 124 11.37 4.61 8.56
C LEU C 124 11.54 3.80 7.28
N PRO C 125 10.54 3.86 6.37
CA PRO C 125 10.73 3.24 5.04
C PRO C 125 11.93 3.86 4.34
N ARG C 126 12.67 3.06 3.55
CA ARG C 126 13.84 3.58 2.85
C ARG C 126 13.44 4.31 1.58
N ASN C 127 14.34 5.16 1.08
CA ASN C 127 14.12 5.91 -0.15
C ASN C 127 12.89 6.81 -0.10
N GLU C 129 11.40 10.79 1.07
CA GLU C 129 11.79 12.14 1.47
C GLU C 129 10.60 12.72 2.21
N GLY C 130 10.85 13.58 3.18
CA GLY C 130 9.75 14.20 3.89
C GLY C 130 10.21 15.16 4.95
N THR C 131 9.44 15.25 6.03
CA THR C 131 9.72 16.23 7.08
C THR C 131 9.54 15.56 8.41
N LEU C 132 10.42 15.89 9.36
CA LEU C 132 10.23 15.49 10.75
C LEU C 132 9.86 16.73 11.55
N GLU C 133 8.81 16.62 12.37
CA GLU C 133 8.44 17.70 13.29
C GLU C 133 8.39 17.19 14.72
N VAL C 134 8.91 18.01 15.63
CA VAL C 134 8.97 17.66 17.04
C VAL C 134 8.33 18.81 17.84
N SER C 135 7.57 18.49 18.87
CA SER C 135 7.04 19.51 19.77
C SER C 135 7.36 19.18 21.21
N TYR C 136 7.67 20.23 21.98
CA TYR C 136 7.91 20.09 23.40
C TYR C 136 7.44 21.34 24.11
N ASN C 137 6.48 21.19 25.02
CA ASN C 137 6.03 22.27 25.90
C ASN C 137 5.75 23.60 25.18
N GLY C 138 5.00 23.54 24.08
CA GLY C 138 4.59 24.74 23.37
C GLY C 138 5.58 25.19 22.31
N LYS C 139 6.73 24.52 22.24
CA LYS C 139 7.76 24.88 21.25
C LYS C 139 7.81 23.81 20.16
N THR C 140 8.28 24.18 18.96
CA THR C 140 8.41 23.22 17.86
C THR C 140 9.75 23.36 17.15
N ALA C 141 10.11 22.31 16.42
CA ALA C 141 11.22 22.35 15.47
C ALA C 141 10.87 21.36 14.38
N SER C 142 11.34 21.62 13.17
CA SER C 142 11.14 20.67 12.08
C SER C 142 12.31 20.72 11.11
N HIS C 143 12.48 19.66 10.33
CA HIS C 143 13.60 19.59 9.40
C HIS C 143 13.28 18.63 8.28
N ALA C 144 13.80 18.92 7.08
CA ALA C 144 13.72 17.99 5.97
C ALA C 144 14.47 16.71 6.34
N ILE C 145 13.96 15.57 5.93
CA ILE C 145 14.68 14.32 6.12
C ILE C 145 14.60 13.50 4.85
N ALA C 146 15.52 12.55 4.72
CA ALA C 146 15.47 11.60 3.61
C ALA C 146 16.06 10.29 4.10
N THR C 147 15.70 9.19 3.45
CA THR C 147 16.15 7.88 3.93
C THR C 147 16.78 7.04 2.82
N SER C 148 17.51 7.69 1.93
CA SER C 148 18.23 6.93 0.90
C SER C 148 19.57 6.45 1.46
N ASP C 149 20.29 5.66 0.69
CA ASP C 149 21.54 5.09 1.15
C ASP C 149 22.57 6.11 1.62
N ASP C 150 22.56 7.31 1.05
CA ASP C 150 23.54 8.31 1.47
C ASP C 150 22.99 9.42 2.38
N SER C 151 21.85 9.16 3.02
CA SER C 151 21.29 10.11 3.98
C SER C 151 21.85 9.88 5.40
N GLN C 152 21.99 10.96 6.17
CA GLN C 152 22.53 10.84 7.53
C GLN C 152 21.56 10.13 8.46
N THR C 153 22.10 9.39 9.44
CA THR C 153 21.27 8.75 10.44
C THR C 153 21.11 9.61 11.67
N CYS C 154 21.64 10.82 11.60
CA CYS C 154 21.70 11.65 12.79
C CYS C 154 21.27 13.08 12.46
N LEU C 155 20.17 13.50 13.05
CA LEU C 155 19.66 14.87 12.90
C LEU C 155 19.73 15.61 14.23
N THR C 156 20.55 16.66 14.31
CA THR C 156 20.63 17.46 15.54
C THR C 156 20.17 18.89 15.30
N GLU C 157 19.91 19.23 14.04
CA GLU C 157 19.46 20.59 13.69
C GLU C 157 17.99 20.75 14.04
N LEU C 158 17.65 20.66 15.32
CA LEU C 158 16.25 20.78 15.72
C LEU C 158 16.10 21.74 16.89
N PRO C 159 16.26 23.04 16.62
CA PRO C 159 16.16 24.02 17.70
C PRO C 159 14.71 24.31 18.06
N LEU C 160 14.32 23.98 19.30
CA LEU C 160 12.96 24.24 19.75
C LEU C 160 12.73 25.73 19.92
N ARG C 161 11.70 26.26 19.27
CA ARG C 161 11.36 27.68 19.41
C ARG C 161 9.85 27.85 19.40
N ALA D 1 40.08 -1.73 15.81
CA ALA D 1 40.95 -0.99 14.90
C ALA D 1 41.06 -1.64 13.52
N ALA D 3 39.64 -4.28 10.54
CA ALA D 3 38.42 -4.91 10.08
C ALA D 3 38.41 -6.37 10.56
N SER D 4 37.29 -6.81 11.12
CA SER D 4 37.18 -8.17 11.65
C SER D 4 37.26 -9.20 10.51
N SER D 5 37.45 -10.46 10.87
CA SER D 5 37.31 -11.55 9.91
C SER D 5 35.93 -11.45 9.30
N GLU D 6 34.95 -11.12 10.13
CA GLU D 6 33.56 -11.01 9.71
C GLU D 6 33.35 -9.90 8.67
N SER D 7 33.87 -8.71 8.94
CA SER D 7 33.66 -7.59 8.02
C SER D 7 34.38 -7.82 6.71
N ALA D 8 35.56 -8.40 6.80
CA ALA D 8 36.34 -8.70 5.61
C ALA D 8 35.61 -9.76 4.78
N PHE D 9 35.04 -10.76 5.47
CA PHE D 9 34.26 -11.80 4.80
C PHE D 9 33.19 -11.16 3.93
N LEU D 10 32.43 -10.23 4.53
CA LEU D 10 31.32 -9.57 3.84
C LEU D 10 31.77 -8.84 2.57
N ALA D 11 32.88 -8.11 2.68
CA ALA D 11 33.42 -7.37 1.53
C ALA D 11 33.87 -8.31 0.42
N GLN D 12 34.60 -9.36 0.78
CA GLN D 12 35.16 -10.29 -0.20
C GLN D 12 34.11 -11.12 -0.93
N HIS D 13 32.86 -11.06 -0.46
CA HIS D 13 31.81 -11.85 -1.10
C HIS D 13 30.69 -10.96 -1.63
N GLY D 14 30.94 -9.66 -1.65
CA GLY D 14 30.02 -8.71 -2.25
C GLY D 14 28.77 -8.49 -1.43
N LEU D 15 28.90 -8.64 -0.12
CA LEU D 15 27.74 -8.52 0.74
C LEU D 15 27.74 -7.18 1.48
N ALA D 16 28.89 -6.51 1.49
CA ALA D 16 29.02 -5.26 2.23
C ALA D 16 28.08 -4.18 1.69
N GLY D 17 27.46 -3.42 2.59
CA GLY D 17 26.57 -2.34 2.20
C GLY D 17 25.15 -2.77 1.84
N LYS D 18 24.90 -4.07 1.81
CA LYS D 18 23.57 -4.60 1.56
C LYS D 18 22.78 -4.73 2.85
N THR D 19 21.47 -4.58 2.77
CA THR D 19 20.62 -4.86 3.93
C THR D 19 20.63 -6.37 4.16
N VAL D 20 20.20 -6.78 5.34
CA VAL D 20 20.21 -8.20 5.64
C VAL D 20 19.25 -8.98 4.71
N GLU D 21 18.12 -8.37 4.32
CA GLU D 21 17.26 -9.01 3.33
C GLU D 21 17.94 -9.15 1.97
N GLN D 22 18.69 -8.12 1.57
CA GLN D 22 19.40 -8.17 0.29
C GLN D 22 20.47 -9.26 0.30
N ILE D 23 21.09 -9.46 1.45
CA ILE D 23 22.12 -10.51 1.56
C ILE D 23 21.51 -11.88 1.43
N VAL D 24 20.43 -12.11 2.17
CA VAL D 24 19.70 -13.39 2.10
C VAL D 24 19.20 -13.67 0.70
N ASP D 25 18.55 -12.68 0.06
CA ASP D 25 18.06 -12.88 -1.30
C ASP D 25 19.20 -13.19 -2.28
N THR D 26 20.30 -12.45 -2.16
CA THR D 26 21.45 -12.66 -3.05
C THR D 26 21.93 -14.10 -2.96
N ILE D 27 22.11 -14.58 -1.74
CA ILE D 27 22.59 -15.93 -1.53
C ILE D 27 21.59 -16.97 -2.02
N ASP D 28 20.32 -16.82 -1.65
CA ASP D 28 19.35 -17.86 -1.98
C ASP D 28 19.05 -17.89 -3.47
N GLN D 29 19.13 -16.73 -4.13
CA GLN D 29 18.67 -16.67 -5.52
C GLN D 29 19.81 -16.78 -6.51
N THR D 30 21.01 -17.06 -6.01
CA THR D 30 22.19 -17.15 -6.86
C THR D 30 22.08 -18.28 -7.89
N PRO D 31 22.52 -18.02 -9.13
CA PRO D 31 22.50 -19.02 -10.20
C PRO D 31 23.60 -20.07 -10.03
N PRO D 35 27.97 -20.64 -7.87
CA PRO D 35 28.33 -21.66 -6.88
C PRO D 35 29.19 -21.07 -5.76
N LEU D 36 28.53 -20.46 -4.77
CA LEU D 36 29.19 -19.64 -3.75
C LEU D 36 30.34 -20.33 -3.01
N PRO D 37 31.47 -19.62 -2.86
CA PRO D 37 32.65 -20.18 -2.18
C PRO D 37 32.54 -19.98 -0.68
N TYR D 38 31.39 -20.33 -0.10
CA TYR D 38 31.19 -20.30 1.35
C TYR D 38 29.95 -21.10 1.75
N SER D 39 29.68 -21.16 3.05
CA SER D 39 28.51 -21.87 3.55
C SER D 39 27.54 -20.89 4.20
N ALA D 40 26.24 -21.18 4.13
CA ALA D 40 25.26 -20.27 4.70
C ALA D 40 24.05 -21.04 5.17
N SER D 41 23.56 -20.68 6.35
CA SER D 41 22.38 -21.31 6.91
C SER D 41 21.52 -20.26 7.58
N ILE D 42 20.21 -20.33 7.37
CA ILE D 42 19.31 -19.31 7.92
C ILE D 42 18.36 -19.90 8.96
N THR D 43 18.24 -19.22 10.09
CA THR D 43 17.31 -19.60 11.13
C THR D 43 16.27 -18.51 11.27
N SER D 44 15.41 -18.64 12.28
CA SER D 44 14.33 -17.68 12.46
C SER D 44 14.85 -16.28 12.75
N THR D 45 16.03 -16.23 13.37
CA THR D 45 16.55 -14.98 13.91
C THR D 45 17.92 -14.57 13.37
N GLU D 46 18.61 -15.44 12.66
CA GLU D 46 20.01 -15.17 12.29
C GLU D 46 20.35 -15.72 10.91
N LEU D 47 21.25 -15.04 10.19
CA LEU D 47 21.91 -15.68 9.06
C LEU D 47 23.30 -16.11 9.51
N LYS D 48 23.62 -17.39 9.38
CA LYS D 48 24.95 -17.89 9.76
C LYS D 48 25.77 -18.14 8.51
N LEU D 49 27.03 -17.72 8.55
CA LEU D 49 27.91 -17.76 7.39
C LEU D 49 29.22 -18.36 7.85
N SER D 50 29.82 -19.20 7.02
CA SER D 50 31.12 -19.79 7.37
C SER D 50 32.05 -19.84 6.18
N ASP D 51 33.34 -19.62 6.45
CA ASP D 51 34.39 -19.83 5.47
C ASP D 51 35.09 -21.17 5.69
N GLY D 52 34.56 -21.97 6.62
CA GLY D 52 35.14 -23.27 6.93
C GLY D 52 36.08 -23.23 8.14
N GLU D 53 36.53 -22.04 8.50
CA GLU D 53 37.41 -21.87 9.67
C GLU D 53 36.61 -21.27 10.83
N GLN D 54 35.78 -20.27 10.54
CA GLN D 54 34.93 -19.71 11.58
C GLN D 54 33.51 -19.38 11.11
N ILE D 55 32.66 -19.02 12.06
CA ILE D 55 31.24 -18.83 11.76
C ILE D 55 30.84 -17.43 12.14
N TYR D 56 30.17 -16.74 11.22
CA TYR D 56 29.73 -15.38 11.47
C TYR D 56 28.22 -15.41 11.59
N THR D 57 27.68 -14.55 12.44
CA THR D 57 26.25 -14.52 12.66
C THR D 57 25.70 -13.12 12.38
N LEU D 58 24.81 -13.03 11.41
CA LEU D 58 24.17 -11.76 11.11
C LEU D 58 22.70 -11.83 11.56
N PRO D 59 22.31 -10.95 12.49
CA PRO D 59 20.92 -10.90 12.96
C PRO D 59 19.98 -10.51 11.84
N LEU D 60 18.85 -11.21 11.73
CA LEU D 60 17.81 -10.85 10.77
C LEU D 60 17.08 -9.61 11.27
N GLY D 61 16.16 -9.11 10.46
CA GLY D 61 15.39 -7.92 10.83
C GLY D 61 14.00 -8.26 11.33
N ASP D 62 13.06 -7.35 11.06
CA ASP D 62 11.67 -7.44 11.52
C ASP D 62 10.91 -8.59 10.90
N LYS D 63 11.40 -9.12 9.79
CA LYS D 63 10.67 -10.12 9.04
C LYS D 63 11.31 -11.50 9.08
N PHE D 64 10.45 -12.51 9.20
CA PHE D 64 10.83 -13.93 9.21
C PHE D 64 11.04 -14.40 7.77
N TYR D 65 12.10 -15.17 7.51
CA TYR D 65 12.35 -15.70 6.18
C TYR D 65 11.93 -17.15 6.14
N LEU D 66 10.92 -17.44 5.34
CA LEU D 66 10.45 -18.80 5.15
C LEU D 66 10.88 -19.25 3.78
N SER D 67 11.68 -20.31 3.72
CA SER D 67 12.02 -20.95 2.45
C SER D 67 11.07 -22.11 2.20
N PHE D 68 10.66 -22.28 0.95
CA PHE D 68 9.78 -23.41 0.64
C PHE D 68 10.00 -23.94 -0.76
N ALA D 69 9.72 -25.22 -0.91
CA ALA D 69 9.99 -25.93 -2.16
C ALA D 69 8.76 -26.73 -2.57
N PRO D 70 8.00 -26.22 -3.56
CA PRO D 70 6.89 -27.04 -4.06
C PRO D 70 7.45 -28.24 -4.82
N TYR D 71 6.71 -29.32 -4.91
CA TYR D 71 7.18 -30.48 -5.67
C TYR D 71 6.04 -31.24 -6.32
N GLU D 72 6.39 -32.12 -7.26
CA GLU D 72 5.37 -32.93 -7.91
C GLU D 72 5.51 -34.40 -7.53
N TRP D 73 6.72 -34.94 -7.69
CA TRP D 73 6.89 -36.37 -7.51
C TRP D 73 7.98 -36.84 -6.54
N ARG D 74 8.85 -35.93 -6.10
CA ARG D 74 9.94 -36.26 -5.16
C ARG D 74 10.12 -35.13 -4.17
N THR D 75 10.49 -35.45 -2.93
CA THR D 75 10.74 -34.40 -1.94
C THR D 75 11.70 -34.89 -0.86
N HIS D 76 12.26 -33.94 -0.09
CA HIS D 76 13.23 -34.25 0.96
C HIS D 76 12.92 -33.44 2.21
N PRO D 77 13.00 -34.08 3.39
CA PRO D 77 12.77 -33.31 4.63
C PRO D 77 13.84 -32.24 4.79
N CYS D 78 13.51 -31.14 5.46
CA CYS D 78 14.43 -30.03 5.58
C CYS D 78 14.21 -29.36 6.93
N PHE D 79 15.28 -29.17 7.70
CA PHE D 79 15.16 -28.55 9.01
C PHE D 79 15.30 -27.04 8.87
N ASN D 80 16.52 -26.57 8.64
CA ASN D 80 16.73 -25.16 8.30
C ASN D 80 17.29 -25.08 6.90
N HIS D 81 17.01 -23.99 6.21
CA HIS D 81 17.47 -23.83 4.83
C HIS D 81 18.94 -23.44 4.81
N SER D 82 19.72 -24.10 3.98
CA SER D 82 21.13 -23.76 3.79
C SER D 82 21.49 -23.93 2.31
N LEU D 83 22.72 -23.56 1.95
CA LEU D 83 23.24 -23.83 0.60
C LEU D 83 23.53 -25.32 0.41
N SER D 84 23.97 -25.98 1.46
CA SER D 84 24.28 -27.41 1.39
C SER D 84 23.06 -28.26 1.76
N GLY D 85 23.16 -29.56 1.50
CA GLY D 85 22.08 -30.48 1.81
C GLY D 85 21.27 -30.81 0.57
N GLN D 87 18.54 -30.24 -2.16
CA GLN D 87 17.94 -29.05 -2.75
C GLN D 87 16.46 -29.27 -3.09
N GLY D 88 15.88 -28.32 -3.84
CA GLY D 88 14.48 -28.42 -4.20
C GLY D 88 14.35 -29.31 -5.41
N GLU D 89 13.27 -29.17 -6.16
CA GLU D 89 13.13 -30.03 -7.32
C GLU D 89 12.58 -29.32 -8.54
N PRO D 91 13.23 -25.99 -10.33
CA PRO D 91 13.99 -24.74 -10.47
C PRO D 91 13.42 -23.80 -11.53
N ASN D 92 13.57 -22.51 -11.30
CA ASN D 92 13.18 -21.47 -12.25
C ASN D 92 11.78 -21.63 -12.85
N LYS D 93 10.77 -21.78 -11.98
CA LYS D 93 9.40 -21.94 -12.44
C LYS D 93 8.49 -20.89 -11.82
N PRO D 94 7.42 -20.50 -12.52
CA PRO D 94 6.50 -19.49 -11.97
C PRO D 94 5.46 -20.11 -11.04
N PHE D 95 5.29 -19.53 -9.86
CA PHE D 95 4.29 -20.01 -8.91
C PHE D 95 3.46 -18.86 -8.42
N THR D 96 2.20 -19.13 -8.10
CA THR D 96 1.38 -18.14 -7.42
C THR D 96 1.34 -18.56 -5.96
N VAL D 97 1.69 -17.62 -5.08
CA VAL D 97 1.84 -17.91 -3.66
C VAL D 97 0.89 -17.05 -2.84
N LYS D 98 0.10 -17.68 -1.98
CA LYS D 98 -0.79 -16.90 -1.13
C LYS D 98 -0.61 -17.26 0.33
N VAL D 99 -0.35 -16.25 1.15
CA VAL D 99 -0.23 -16.47 2.60
C VAL D 99 -1.37 -15.79 3.32
N THR D 100 -2.10 -16.55 4.13
CA THR D 100 -3.23 -16.01 4.89
C THR D 100 -3.00 -16.25 6.38
N ASP D 101 -3.18 -15.24 7.23
CA ASP D 101 -2.98 -15.45 8.66
C ASP D 101 -4.21 -16.08 9.32
N SER D 102 -4.09 -16.38 10.61
CA SER D 102 -5.16 -17.07 11.32
C SER D 102 -6.47 -16.30 11.31
N LYS D 103 -6.39 -14.97 11.23
CA LYS D 103 -7.59 -14.12 11.20
C LYS D 103 -8.15 -13.94 9.78
N GLY D 104 -7.60 -14.64 8.80
CA GLY D 104 -8.11 -14.58 7.44
C GLY D 104 -7.55 -13.47 6.57
N ALA D 105 -6.73 -12.60 7.15
CA ALA D 105 -6.10 -11.52 6.37
C ALA D 105 -5.07 -12.08 5.40
N VAL D 106 -5.15 -11.69 4.14
CA VAL D 106 -4.15 -12.10 3.14
C VAL D 106 -2.90 -11.25 3.33
N ILE D 107 -1.77 -11.91 3.56
CA ILE D 107 -0.52 -11.23 3.91
C ILE D 107 0.33 -11.10 2.67
N VAL D 108 0.31 -12.16 1.87
CA VAL D 108 1.06 -12.22 0.63
C VAL D 108 0.13 -12.83 -0.43
N GLN D 109 0.10 -12.23 -1.62
CA GLN D 109 -0.55 -12.89 -2.75
C GLN D 109 0.13 -12.39 -4.01
N LYS D 110 1.08 -13.17 -4.51
CA LYS D 110 1.84 -12.71 -5.66
C LYS D 110 2.45 -13.87 -6.43
N GLU D 111 2.85 -13.60 -7.66
CA GLU D 111 3.52 -14.60 -8.46
C GLU D 111 4.99 -14.53 -8.10
N GLN D 113 8.92 -16.50 -8.75
CA GLN D 113 9.68 -17.48 -9.51
C GLN D 113 10.60 -18.26 -8.57
N SER D 114 10.62 -19.58 -8.67
CA SER D 114 11.55 -20.38 -7.88
C SER D 114 12.97 -20.16 -8.37
N TYR D 115 13.95 -20.38 -7.51
CA TYR D 115 15.34 -20.10 -7.88
C TYR D 115 15.97 -21.35 -8.50
N ARG D 116 17.25 -21.27 -8.85
CA ARG D 116 17.91 -22.42 -9.45
C ARG D 116 17.95 -23.62 -8.48
N ASN D 117 17.89 -23.36 -7.18
CA ASN D 117 17.86 -24.45 -6.20
C ASN D 117 16.48 -25.03 -5.95
N GLY D 118 15.47 -24.53 -6.67
CA GLY D 118 14.11 -25.03 -6.56
C GLY D 118 13.33 -24.50 -5.37
N PHE D 119 13.93 -23.57 -4.63
CA PHE D 119 13.27 -22.93 -3.52
C PHE D 119 12.67 -21.56 -3.87
N ILE D 120 11.69 -21.14 -3.07
CA ILE D 120 11.23 -19.76 -3.07
C ILE D 120 11.36 -19.26 -1.64
N GLY D 121 11.71 -17.99 -1.47
CA GLY D 121 11.81 -17.40 -0.13
C GLY D 121 10.80 -16.27 0.03
N VAL D 122 10.08 -16.27 1.14
CA VAL D 122 9.14 -15.19 1.39
C VAL D 122 9.44 -14.51 2.73
N TRP D 123 9.31 -13.18 2.75
CA TRP D 123 9.52 -12.43 3.99
C TRP D 123 8.19 -12.16 4.65
N LEU D 124 8.06 -12.58 5.91
CA LEU D 124 6.78 -12.55 6.62
C LEU D 124 6.85 -11.83 7.96
N PRO D 125 5.72 -11.26 8.40
CA PRO D 125 5.69 -10.68 9.75
C PRO D 125 5.96 -11.78 10.78
N ARG D 126 6.56 -11.41 11.91
CA ARG D 126 6.92 -12.40 12.94
C ARG D 126 5.73 -12.71 13.86
N ASN D 127 5.82 -13.85 14.53
CA ASN D 127 4.78 -14.28 15.47
C ASN D 127 3.37 -14.33 14.89
N GLU D 129 0.48 -16.92 12.70
CA GLU D 129 0.15 -18.29 12.35
C GLU D 129 -0.83 -18.22 11.20
N GLY D 130 -0.74 -19.17 10.27
CA GLY D 130 -1.63 -19.15 9.14
C GLY D 130 -1.38 -20.29 8.17
N THR D 131 -1.58 -19.98 6.89
CA THR D 131 -1.55 -21.00 5.86
C THR D 131 -0.82 -20.45 4.65
N LEU D 132 0.08 -21.26 4.09
CA LEU D 132 0.68 -20.94 2.79
C LEU D 132 0.05 -21.81 1.71
N GLU D 133 -0.36 -21.19 0.60
CA GLU D 133 -0.86 -21.95 -0.54
C GLU D 133 -0.06 -21.58 -1.78
N VAL D 134 0.39 -22.60 -2.50
CA VAL D 134 1.13 -22.41 -3.75
C VAL D 134 0.38 -23.08 -4.89
N SER D 135 0.26 -22.40 -6.02
CA SER D 135 -0.28 -23.08 -7.19
C SER D 135 0.66 -22.99 -8.39
N TYR D 136 0.49 -23.92 -9.32
CA TYR D 136 1.33 -24.01 -10.49
C TYR D 136 0.62 -24.89 -11.51
N ASN D 137 0.42 -24.37 -12.71
CA ASN D 137 -0.20 -25.14 -13.80
C ASN D 137 -1.50 -25.84 -13.38
N GLY D 138 -2.38 -25.13 -12.70
CA GLY D 138 -3.66 -25.72 -12.33
C GLY D 138 -3.63 -26.72 -11.19
N LYS D 139 -2.46 -26.86 -10.56
CA LYS D 139 -2.33 -27.69 -9.36
C LYS D 139 -2.10 -26.77 -8.18
N THR D 140 -2.35 -27.26 -6.97
CA THR D 140 -2.15 -26.46 -5.75
C THR D 140 -1.58 -27.29 -4.62
N ALA D 141 -0.92 -26.63 -3.66
CA ALA D 141 -0.51 -27.29 -2.42
C ALA D 141 -0.63 -26.28 -1.29
N SER D 142 -0.92 -26.76 -0.09
CA SER D 142 -1.09 -25.89 1.06
C SER D 142 -0.41 -26.49 2.28
N HIS D 143 -0.07 -25.65 3.26
CA HIS D 143 0.45 -26.17 4.52
C HIS D 143 0.34 -25.08 5.57
N ALA D 144 0.06 -25.47 6.81
CA ALA D 144 0.12 -24.53 7.93
C ALA D 144 1.54 -24.01 8.09
N ILE D 145 1.65 -22.74 8.49
CA ILE D 145 2.95 -22.12 8.79
C ILE D 145 2.87 -21.25 10.05
N ALA D 146 4.04 -20.99 10.64
CA ALA D 146 4.12 -20.05 11.74
C ALA D 146 5.46 -19.33 11.69
N THR D 147 5.53 -18.14 12.25
CA THR D 147 6.73 -17.32 12.17
C THR D 147 7.26 -16.86 13.54
N SER D 148 7.07 -17.68 14.56
CA SER D 148 7.65 -17.37 15.87
C SER D 148 9.12 -17.79 15.87
N ASP D 149 9.86 -17.42 16.91
CA ASP D 149 11.28 -17.78 16.98
C ASP D 149 11.54 -19.28 16.93
N ASP D 150 10.57 -20.07 17.40
CA ASP D 150 10.72 -21.51 17.44
C ASP D 150 10.02 -22.21 16.27
N SER D 151 9.71 -21.46 15.21
CA SER D 151 8.88 -22.02 14.13
C SER D 151 9.69 -22.67 13.03
N GLN D 152 9.03 -23.60 12.35
CA GLN D 152 9.59 -24.22 11.15
C GLN D 152 9.85 -23.16 10.05
N THR D 153 11.09 -23.16 9.56
CA THR D 153 11.59 -22.16 8.62
C THR D 153 11.87 -22.67 7.19
N CYS D 154 11.94 -23.99 7.02
CA CYS D 154 12.15 -24.56 5.68
C CYS D 154 10.98 -25.49 5.46
N LEU D 155 10.17 -25.22 4.43
CA LEU D 155 8.95 -25.99 4.20
C LEU D 155 9.06 -26.73 2.87
N THR D 156 9.15 -28.06 2.93
CA THR D 156 9.26 -28.86 1.71
C THR D 156 8.02 -29.70 1.47
N GLU D 157 7.09 -29.67 2.42
CA GLU D 157 5.89 -30.48 2.34
C GLU D 157 4.79 -29.82 1.50
N LEU D 158 5.09 -29.59 0.23
CA LEU D 158 4.14 -28.93 -0.65
C LEU D 158 3.89 -29.72 -1.94
N PRO D 159 3.22 -30.86 -1.82
CA PRO D 159 2.95 -31.71 -3.00
C PRO D 159 1.83 -31.12 -3.87
N LEU D 160 2.19 -30.75 -5.08
CA LEU D 160 1.25 -30.12 -6.00
C LEU D 160 0.27 -31.15 -6.57
N ARG D 161 -1.02 -30.93 -6.38
CA ARG D 161 -2.05 -31.86 -6.85
C ARG D 161 -3.25 -31.12 -7.44
#